data_2LK7
#
_entry.id   2LK7
#
_entity_poly.entity_id   1
_entity_poly.type   'polydeoxyribonucleotide'
_entity_poly.pdbx_seq_one_letter_code
;(DT)(DT)(DG)(DG)(DG)(DT)(DG)(DG)(DG)(DT)(DG)(DG)(DG)(DT)(DG)(DG)(DG)(DT)
;
_entity_poly.pdbx_strand_id   A
#